data_5EVY
#
_entry.id   5EVY
#
_cell.length_a   142.330
_cell.length_b   142.330
_cell.length_c   62.350
_cell.angle_alpha   90.00
_cell.angle_beta   90.00
_cell.angle_gamma   120.00
#
_symmetry.space_group_name_H-M   'P 64'
#
loop_
_entity.id
_entity.type
_entity.pdbx_description
1 polymer 'Salicylate hydroxylase'
2 non-polymer 'FLAVIN-ADENINE DINUCLEOTIDE'
3 non-polymer '2-HYDROXYBENZOIC ACID'
4 water water
#
_entity_poly.entity_id   1
_entity_poly.type   'polypeptide(L)'
_entity_poly.pdbx_seq_one_letter_code
;MGSSHHHHHHSSGDDDDKSKSPLRVAVIGGGIAGTALALGLSKSSHVNVKLFETAPAFGEIGAGVSFGVNAVEAIQRLGI
GELYKSVADSTPAPWQDIWFEWRHAHDASLVGATVAPGIGQSSIHRADFIDMLEKRLPAGIASLGKHVVDYTENAEGVTL
NFADGSTYTADVAIAADGIKSSMRNTLLRAAGHDAVHPQFTGTSAYRGLVETSALREAYQAASLDEHLLNVPQMYLIEDG
HVLTFPVKKGKLIIIVAFVSDRSVAKPQWPSDQPWVRPATTDEMLHRFAGAGEAVKTLLTSIKSPTLWALHDFDPLPTYV
HGRVALIGDAAHAMLPHQGAGAGQGLEDAYFMAELLGNPLHEASDIPALLEVYDDVRRGRASKVQLTSREAGELYEYRTP
GVERDTAKLKALLESRMNWIWNYDLGAEARLAVKPALA
;
_entity_poly.pdbx_strand_id   X
#
loop_
_chem_comp.id
_chem_comp.type
_chem_comp.name
_chem_comp.formula
FAD non-polymer 'FLAVIN-ADENINE DINUCLEOTIDE' 'C27 H33 N9 O15 P2'
SAL non-polymer '2-HYDROXYBENZOIC ACID' 'C7 H6 O3'
#
# COMPACT_ATOMS: atom_id res chain seq x y z
N SER A 19 20.00 -30.08 8.24
CA SER A 19 19.05 -29.16 8.93
C SER A 19 19.40 -29.04 10.44
N LYS A 20 19.34 -30.17 11.15
CA LYS A 20 19.60 -30.27 12.61
C LYS A 20 18.78 -29.24 13.42
N SER A 21 19.22 -27.98 13.42
CA SER A 21 18.46 -26.86 13.99
C SER A 21 17.95 -25.97 12.83
N PRO A 22 16.65 -26.07 12.47
CA PRO A 22 16.17 -25.16 11.42
C PRO A 22 16.21 -23.66 11.82
N LEU A 23 15.99 -22.75 10.87
CA LEU A 23 16.03 -21.32 11.16
C LEU A 23 14.75 -20.85 11.87
N ARG A 24 14.93 -20.15 12.99
CA ARG A 24 13.80 -19.68 13.82
C ARG A 24 13.49 -18.23 13.49
N VAL A 25 12.32 -18.04 12.92
CA VAL A 25 11.93 -16.77 12.35
C VAL A 25 10.55 -16.39 12.85
N ALA A 26 10.48 -15.23 13.46
CA ALA A 26 9.22 -14.74 13.96
C ALA A 26 8.83 -13.62 13.05
N VAL A 27 7.54 -13.55 12.77
CA VAL A 27 6.97 -12.48 12.00
C VAL A 27 5.83 -11.84 12.83
N ILE A 28 5.93 -10.54 13.06
CA ILE A 28 4.97 -9.82 13.89
C ILE A 28 4.06 -8.88 13.09
N GLY A 29 2.76 -9.16 13.12
CA GLY A 29 1.73 -8.41 12.36
C GLY A 29 1.06 -9.31 11.33
N GLY A 30 -0.24 -9.54 11.48
CA GLY A 30 -0.94 -10.43 10.55
C GLY A 30 -1.63 -9.68 9.41
N GLY A 31 -0.85 -9.02 8.54
CA GLY A 31 -1.41 -8.01 7.68
C GLY A 31 -0.93 -7.86 6.26
N ILE A 32 -0.70 -8.93 5.57
CA ILE A 32 -0.39 -8.84 4.13
C ILE A 32 1.08 -8.98 3.96
N ALA A 33 1.87 -8.00 4.39
CA ALA A 33 3.29 -8.23 4.33
C ALA A 33 3.65 -9.41 5.25
N GLY A 34 3.18 -9.37 6.50
CA GLY A 34 3.48 -10.42 7.47
C GLY A 34 2.89 -11.72 6.98
N THR A 35 1.58 -11.73 6.81
CA THR A 35 0.91 -12.93 6.39
C THR A 35 1.50 -13.54 5.14
N ALA A 36 2.14 -12.75 4.30
CA ALA A 36 2.69 -13.26 3.04
C ALA A 36 4.13 -13.66 3.22
N LEU A 37 4.83 -13.05 4.13
CA LEU A 37 6.19 -13.52 4.39
C LEU A 37 6.15 -14.92 5.02
N ALA A 38 5.11 -15.17 5.82
CA ALA A 38 4.91 -16.45 6.49
C ALA A 38 4.57 -17.53 5.47
N LEU A 39 3.58 -17.25 4.64
CA LEU A 39 3.29 -18.08 3.47
C LEU A 39 4.51 -18.27 2.60
N GLY A 40 5.26 -17.21 2.42
CA GLY A 40 6.52 -17.30 1.69
C GLY A 40 7.41 -18.34 2.33
N LEU A 41 7.63 -18.20 3.62
CA LEU A 41 8.57 -19.06 4.31
C LEU A 41 8.08 -20.48 4.51
N SER A 42 6.76 -20.64 4.74
CA SER A 42 6.11 -21.97 4.85
C SER A 42 6.80 -23.08 4.06
N LYS A 43 6.64 -23.09 2.74
CA LYS A 43 7.43 -24.00 1.87
C LYS A 43 8.80 -24.49 2.40
N SER A 44 9.71 -23.57 2.76
CA SER A 44 11.12 -23.90 3.05
C SER A 44 11.47 -25.09 3.99
N SER A 45 10.52 -25.53 4.82
CA SER A 45 10.68 -26.72 5.72
C SER A 45 11.93 -26.67 6.63
N HIS A 46 13.10 -26.32 6.10
CA HIS A 46 14.28 -25.98 6.93
C HIS A 46 14.12 -24.64 7.67
N VAL A 47 12.99 -23.97 7.47
CA VAL A 47 12.66 -22.79 8.24
C VAL A 47 11.54 -23.09 9.20
N ASN A 48 11.65 -22.63 10.43
CA ASN A 48 10.52 -22.64 11.35
C ASN A 48 10.02 -21.23 11.60
N VAL A 49 8.76 -21.02 11.22
CA VAL A 49 8.21 -19.71 11.18
C VAL A 49 6.89 -19.70 11.92
N LYS A 50 6.76 -18.69 12.77
CA LYS A 50 5.49 -18.43 13.46
C LYS A 50 5.07 -16.98 13.16
N LEU A 51 3.77 -16.74 13.22
CA LEU A 51 3.19 -15.44 12.90
C LEU A 51 2.41 -14.81 14.09
N PHE A 52 2.94 -13.75 14.69
CA PHE A 52 2.23 -13.09 15.77
C PHE A 52 1.47 -11.81 15.33
N GLY A 62 -7.79 1.34 4.58
CA GLY A 62 -8.87 1.88 3.75
C GLY A 62 -10.09 0.98 3.61
N ALA A 63 -10.01 -0.21 4.24
CA ALA A 63 -10.97 -1.30 4.09
C ALA A 63 -11.17 -1.65 2.61
N GLY A 64 -10.06 -1.66 1.87
CA GLY A 64 -10.01 -1.82 0.40
C GLY A 64 -8.64 -1.50 -0.20
N VAL A 65 -8.15 -2.30 -1.15
CA VAL A 65 -6.79 -2.12 -1.69
C VAL A 65 -6.58 -2.25 -3.22
N SER A 66 -5.46 -1.71 -3.70
CA SER A 66 -5.12 -1.70 -5.11
C SER A 66 -3.79 -2.38 -5.33
N PHE A 67 -3.69 -3.05 -6.48
CA PHE A 67 -2.48 -3.78 -6.83
C PHE A 67 -2.11 -3.49 -8.27
N GLY A 68 -0.88 -3.04 -8.44
CA GLY A 68 -0.32 -2.78 -9.73
C GLY A 68 0.40 -3.97 -10.34
N VAL A 69 1.03 -3.71 -11.48
CA VAL A 69 1.65 -4.69 -12.32
C VAL A 69 2.78 -5.39 -11.58
N ASN A 70 3.48 -4.66 -10.74
CA ASN A 70 4.61 -5.20 -10.02
C ASN A 70 4.19 -6.06 -8.82
N ALA A 71 2.95 -5.95 -8.36
CA ALA A 71 2.43 -6.93 -7.39
C ALA A 71 2.25 -8.32 -8.01
N VAL A 72 1.84 -8.36 -9.28
CA VAL A 72 1.54 -9.60 -9.94
C VAL A 72 2.63 -10.63 -9.76
N GLU A 73 3.85 -10.36 -10.21
CA GLU A 73 4.89 -11.40 -10.08
C GLU A 73 4.91 -11.95 -8.62
N ALA A 74 4.70 -11.08 -7.63
CA ALA A 74 4.74 -11.47 -6.21
C ALA A 74 3.59 -12.38 -5.83
N ILE A 75 2.43 -12.16 -6.42
CA ILE A 75 1.24 -12.87 -6.04
C ILE A 75 1.31 -14.20 -6.73
N GLN A 76 1.60 -14.16 -8.02
CA GLN A 76 1.84 -15.34 -8.83
C GLN A 76 2.79 -16.28 -8.06
N ARG A 77 3.89 -15.71 -7.56
CA ARG A 77 4.91 -16.46 -6.81
C ARG A 77 4.32 -17.14 -5.58
N LEU A 78 3.75 -16.36 -4.69
CA LEU A 78 3.23 -16.89 -3.44
C LEU A 78 2.05 -17.86 -3.71
N GLY A 79 1.78 -18.13 -4.97
CA GLY A 79 0.91 -19.22 -5.38
C GLY A 79 -0.56 -18.86 -5.33
N ILE A 80 -0.88 -17.61 -5.65
CA ILE A 80 -2.27 -17.14 -5.52
C ILE A 80 -2.80 -16.42 -6.76
N GLY A 81 -2.08 -16.48 -7.88
CA GLY A 81 -2.54 -15.82 -9.08
C GLY A 81 -4.00 -16.17 -9.30
N GLU A 82 -4.19 -17.36 -9.85
CA GLU A 82 -5.47 -18.08 -9.92
C GLU A 82 -6.62 -17.50 -9.08
N LEU A 83 -6.40 -17.46 -7.77
CA LEU A 83 -7.46 -17.20 -6.81
C LEU A 83 -7.74 -15.71 -6.76
N TYR A 84 -6.68 -14.95 -6.52
CA TYR A 84 -6.73 -13.52 -6.63
C TYR A 84 -7.49 -13.22 -7.90
N LYS A 85 -6.92 -13.63 -9.02
CA LYS A 85 -7.44 -13.26 -10.34
C LYS A 85 -8.94 -13.45 -10.48
N SER A 86 -9.54 -14.22 -9.57
CA SER A 86 -10.97 -14.45 -9.56
C SER A 86 -11.65 -13.59 -8.51
N VAL A 87 -11.10 -13.54 -7.29
CA VAL A 87 -11.73 -12.74 -6.23
C VAL A 87 -11.61 -11.19 -6.40
N ALA A 88 -10.58 -10.73 -7.11
CA ALA A 88 -10.29 -9.31 -7.18
C ALA A 88 -11.15 -8.65 -8.22
N ASP A 89 -11.54 -7.40 -7.98
CA ASP A 89 -12.28 -6.66 -8.98
C ASP A 89 -11.40 -6.18 -10.11
N SER A 90 -12.07 -6.00 -11.24
CA SER A 90 -11.45 -5.58 -12.47
C SER A 90 -12.54 -4.81 -13.28
N THR A 91 -12.08 -4.02 -14.24
CA THR A 91 -13.00 -3.22 -15.02
C THR A 91 -13.44 -4.15 -16.11
N PRO A 92 -14.76 -4.25 -16.34
CA PRO A 92 -15.24 -5.08 -17.44
C PRO A 92 -14.48 -4.86 -18.75
N ALA A 93 -14.32 -5.93 -19.50
CA ALA A 93 -13.73 -5.86 -20.80
C ALA A 93 -14.61 -5.05 -21.78
N PRO A 94 -13.97 -4.48 -22.84
CA PRO A 94 -12.49 -4.50 -23.09
C PRO A 94 -11.69 -3.39 -22.35
N TRP A 95 -12.35 -2.65 -21.47
CA TRP A 95 -11.65 -1.59 -20.76
C TRP A 95 -10.75 -2.03 -19.62
N GLN A 96 -10.48 -3.31 -19.51
CA GLN A 96 -9.87 -3.81 -18.31
C GLN A 96 -8.42 -3.38 -18.17
N ASP A 97 -7.77 -2.95 -19.26
CA ASP A 97 -6.30 -2.65 -19.14
C ASP A 97 -5.96 -1.19 -18.66
N ILE A 98 -6.99 -0.34 -18.63
CA ILE A 98 -6.82 1.07 -18.29
C ILE A 98 -6.62 1.29 -16.78
N TRP A 99 -5.48 1.85 -16.39
CA TRP A 99 -5.27 2.16 -14.97
C TRP A 99 -6.18 3.31 -14.57
N PHE A 100 -5.97 4.44 -15.22
CA PHE A 100 -6.91 5.58 -15.17
C PHE A 100 -6.88 6.39 -16.43
N GLU A 101 -8.05 6.91 -16.73
CA GLU A 101 -8.20 8.07 -17.56
C GLU A 101 -8.06 9.31 -16.71
N TRP A 102 -7.21 10.23 -17.14
CA TRP A 102 -7.01 11.51 -16.45
C TRP A 102 -7.82 12.63 -17.08
N ARG A 103 -8.66 13.29 -16.27
CA ARG A 103 -9.47 14.42 -16.75
C ARG A 103 -9.45 15.70 -15.88
N HIS A 104 -9.76 16.90 -16.42
CA HIS A 104 -9.88 18.07 -15.55
C HIS A 104 -11.24 18.04 -14.91
N ALA A 105 -11.31 18.40 -13.64
CA ALA A 105 -12.57 18.35 -12.91
C ALA A 105 -13.62 19.28 -13.42
N HIS A 106 -13.17 20.44 -13.85
CA HIS A 106 -14.08 21.54 -14.18
C HIS A 106 -15.01 21.29 -15.37
N ASP A 107 -14.58 20.54 -16.38
CA ASP A 107 -15.44 20.22 -17.52
C ASP A 107 -15.37 18.75 -17.90
N ALA A 108 -14.76 17.93 -17.05
CA ALA A 108 -14.47 16.52 -17.37
C ALA A 108 -13.70 16.26 -18.70
N SER A 109 -12.93 17.20 -19.17
CA SER A 109 -12.25 17.02 -20.46
C SER A 109 -10.99 16.16 -20.30
N LEU A 110 -10.57 15.52 -21.37
CA LEU A 110 -9.52 14.56 -21.25
C LEU A 110 -8.14 15.18 -21.33
N VAL A 111 -7.31 14.80 -20.36
CA VAL A 111 -5.88 15.08 -20.34
C VAL A 111 -5.01 13.93 -20.90
N GLY A 112 -5.35 12.69 -20.58
CA GLY A 112 -4.57 11.51 -21.06
C GLY A 112 -5.08 10.24 -20.44
N ALA A 113 -4.26 9.21 -20.50
CA ALA A 113 -4.60 7.96 -19.91
C ALA A 113 -3.38 7.09 -19.69
N THR A 114 -3.40 6.37 -18.58
CA THR A 114 -2.34 5.42 -18.26
C THR A 114 -2.94 4.03 -18.41
N VAL A 115 -2.37 3.27 -19.31
CA VAL A 115 -2.79 1.89 -19.53
C VAL A 115 -1.79 0.94 -18.88
N ALA A 116 -2.24 0.02 -18.03
CA ALA A 116 -1.35 -1.07 -17.55
C ALA A 116 -1.88 -2.39 -18.11
N PRO A 117 -1.38 -2.77 -19.29
CA PRO A 117 -2.00 -3.90 -19.96
C PRO A 117 -1.86 -5.19 -19.11
N GLY A 118 -2.90 -6.03 -19.21
CA GLY A 118 -3.07 -7.11 -18.25
C GLY A 118 -3.84 -6.63 -17.02
N ILE A 119 -3.19 -5.85 -16.15
CA ILE A 119 -3.73 -5.61 -14.82
C ILE A 119 -4.81 -4.55 -14.81
N GLY A 120 -4.46 -3.36 -15.29
CA GLY A 120 -5.43 -2.24 -15.30
C GLY A 120 -5.72 -1.85 -13.87
N GLN A 121 -6.97 -1.50 -13.60
CA GLN A 121 -7.42 -1.19 -12.25
C GLN A 121 -7.78 -2.46 -11.51
N SER A 122 -6.86 -2.96 -10.70
CA SER A 122 -7.07 -4.19 -9.92
C SER A 122 -7.18 -3.89 -8.40
N SER A 123 -8.23 -4.37 -7.77
CA SER A 123 -8.51 -4.02 -6.37
C SER A 123 -9.24 -5.16 -5.66
N ILE A 124 -9.14 -5.15 -4.34
CA ILE A 124 -9.69 -6.21 -3.51
C ILE A 124 -9.92 -5.72 -2.12
N HIS A 125 -11.02 -6.17 -1.51
CA HIS A 125 -11.35 -5.83 -0.13
C HIS A 125 -10.22 -6.46 0.71
N ARG A 126 -9.65 -5.66 1.59
CA ARG A 126 -8.48 -6.04 2.41
C ARG A 126 -8.69 -7.35 3.19
N ALA A 127 -9.80 -7.38 3.92
CA ALA A 127 -10.25 -8.56 4.65
C ALA A 127 -10.10 -9.83 3.82
N ASP A 128 -10.64 -9.78 2.61
CA ASP A 128 -10.64 -10.92 1.68
C ASP A 128 -9.27 -11.28 1.17
N PHE A 129 -8.39 -10.31 1.04
CA PHE A 129 -7.09 -10.69 0.56
C PHE A 129 -6.35 -11.43 1.65
N ILE A 130 -6.18 -10.76 2.79
CA ILE A 130 -5.47 -11.30 3.96
C ILE A 130 -5.96 -12.72 4.18
N ASP A 131 -7.24 -12.79 4.53
CA ASP A 131 -7.93 -14.04 4.70
C ASP A 131 -7.50 -15.11 3.68
N MET A 132 -7.52 -14.83 2.39
CA MET A 132 -7.18 -15.89 1.42
C MET A 132 -5.72 -16.33 1.49
N LEU A 133 -4.84 -15.49 2.06
CA LEU A 133 -3.46 -15.90 2.34
C LEU A 133 -3.42 -16.88 3.49
N GLU A 134 -3.92 -16.41 4.63
CA GLU A 134 -3.79 -17.07 5.91
C GLU A 134 -4.57 -18.38 5.98
N LYS A 135 -5.57 -18.54 5.12
CA LYS A 135 -6.29 -19.79 5.05
C LYS A 135 -5.63 -20.81 4.10
N ARG A 136 -4.49 -20.46 3.51
CA ARG A 136 -3.67 -21.45 2.77
C ARG A 136 -2.36 -21.73 3.52
N LEU A 137 -2.34 -21.32 4.79
CA LEU A 137 -1.10 -21.28 5.56
C LEU A 137 -1.02 -22.51 6.45
N PRO A 138 -0.16 -23.51 6.11
CA PRO A 138 -0.25 -24.78 6.84
C PRO A 138 -0.26 -24.52 8.35
N ALA A 139 -1.18 -25.19 9.06
CA ALA A 139 -1.41 -24.94 10.49
C ALA A 139 -0.10 -25.05 11.32
N GLY A 140 -0.08 -24.39 12.47
CA GLY A 140 1.12 -24.29 13.27
C GLY A 140 1.73 -22.90 13.33
N ILE A 141 1.49 -22.07 12.31
CA ILE A 141 2.23 -20.82 12.19
C ILE A 141 1.50 -19.66 12.87
N ALA A 142 0.21 -19.54 12.60
CA ALA A 142 -0.59 -18.47 13.23
C ALA A 142 -0.60 -18.54 14.76
N SER A 143 -0.43 -17.41 15.42
CA SER A 143 -0.26 -17.37 16.85
C SER A 143 -0.89 -16.10 17.43
N LEU A 144 -2.16 -16.22 17.77
CA LEU A 144 -3.08 -15.08 17.75
C LEU A 144 -2.91 -14.08 18.88
N GLY A 145 -3.09 -14.55 20.09
CA GLY A 145 -3.30 -13.66 21.24
C GLY A 145 -2.25 -12.60 21.45
N LYS A 146 -1.06 -12.88 20.94
CA LYS A 146 0.12 -12.20 21.37
C LYS A 146 0.34 -10.93 20.56
N HIS A 147 0.45 -9.78 21.22
CA HIS A 147 1.18 -8.65 20.61
C HIS A 147 2.32 -8.22 21.52
N VAL A 148 3.31 -7.68 20.85
CA VAL A 148 4.61 -7.47 21.34
C VAL A 148 4.62 -6.06 21.84
N VAL A 149 5.28 -5.84 22.97
CA VAL A 149 5.45 -4.49 23.47
C VAL A 149 6.88 -4.06 23.29
N ASP A 150 7.77 -5.03 23.10
CA ASP A 150 9.19 -4.79 23.31
C ASP A 150 9.88 -5.99 22.79
N TYR A 151 11.18 -5.85 22.57
CA TYR A 151 12.04 -6.98 22.29
C TYR A 151 13.43 -6.72 22.84
N THR A 152 14.19 -7.78 23.10
CA THR A 152 15.64 -7.61 23.43
C THR A 152 16.48 -8.66 22.76
N GLU A 153 17.78 -8.40 22.65
CA GLU A 153 18.64 -9.29 21.86
C GLU A 153 20.10 -9.39 22.34
N ASN A 154 20.69 -10.56 22.06
CA ASN A 154 22.09 -10.81 22.38
C ASN A 154 23.04 -10.61 21.17
N ALA A 155 22.77 -11.37 20.11
CA ALA A 155 23.71 -11.74 19.04
C ALA A 155 23.44 -13.22 18.71
N GLU A 156 23.11 -14.02 19.74
CA GLU A 156 22.55 -15.39 19.60
C GLU A 156 21.00 -15.40 19.70
N GLY A 157 20.45 -14.50 20.50
CA GLY A 157 19.02 -14.43 20.69
C GLY A 157 18.44 -13.09 20.30
N VAL A 158 17.26 -13.13 19.69
CA VAL A 158 16.31 -12.00 19.72
C VAL A 158 15.01 -12.51 20.33
N THR A 159 14.56 -11.80 21.36
CA THR A 159 13.50 -12.24 22.28
C THR A 159 12.38 -11.21 22.30
N LEU A 160 11.18 -11.67 21.97
CA LEU A 160 9.99 -10.84 21.98
C LEU A 160 9.34 -10.85 23.35
N ASN A 161 8.97 -9.66 23.82
CA ASN A 161 8.16 -9.52 25.06
C ASN A 161 6.69 -9.31 24.68
N PHE A 162 5.89 -10.36 24.86
CA PHE A 162 4.44 -10.25 24.70
C PHE A 162 3.81 -9.58 25.91
N ALA A 163 2.66 -8.96 25.70
CA ALA A 163 1.96 -8.26 26.77
C ALA A 163 1.39 -9.27 27.79
N ASP A 164 0.89 -10.36 27.20
CA ASP A 164 0.87 -11.72 27.77
C ASP A 164 1.80 -11.90 28.99
N GLY A 165 2.90 -11.14 29.05
CA GLY A 165 3.93 -11.33 30.05
C GLY A 165 4.90 -12.44 29.62
N SER A 166 4.48 -13.27 28.66
CA SER A 166 5.31 -14.35 28.13
C SER A 166 6.30 -13.83 27.07
N THR A 167 7.04 -14.77 26.47
CA THR A 167 8.10 -14.44 25.50
C THR A 167 8.25 -15.47 24.38
N TYR A 168 8.93 -15.06 23.31
CA TYR A 168 9.37 -15.99 22.28
C TYR A 168 10.74 -15.53 21.89
N THR A 169 11.56 -16.47 21.42
CA THR A 169 12.92 -16.15 21.03
C THR A 169 13.28 -16.79 19.68
N ALA A 170 13.98 -16.01 18.85
CA ALA A 170 14.32 -16.45 17.52
C ALA A 170 15.69 -15.93 17.04
N ASP A 171 16.07 -16.45 15.89
CA ASP A 171 17.29 -16.05 15.23
C ASP A 171 17.02 -14.75 14.54
N VAL A 172 15.77 -14.57 14.09
CA VAL A 172 15.38 -13.39 13.32
C VAL A 172 13.91 -12.98 13.50
N ALA A 173 13.69 -11.66 13.64
CA ALA A 173 12.34 -11.11 13.81
C ALA A 173 12.04 -10.04 12.77
N ILE A 174 10.97 -10.25 12.02
CA ILE A 174 10.55 -9.36 10.99
C ILE A 174 9.24 -8.70 11.43
N ALA A 175 9.34 -7.38 11.59
CA ALA A 175 8.25 -6.55 12.08
C ALA A 175 7.37 -6.13 10.91
N ALA A 176 6.15 -6.66 10.83
CA ALA A 176 5.15 -6.22 9.87
C ALA A 176 3.86 -5.67 10.54
N ASP A 177 4.05 -4.80 11.51
CA ASP A 177 2.98 -4.38 12.42
C ASP A 177 2.45 -2.96 12.07
N GLY A 178 2.63 -2.57 10.81
CA GLY A 178 1.90 -1.47 10.22
C GLY A 178 2.35 -0.11 10.58
N ILE A 179 1.55 0.88 10.15
CA ILE A 179 1.93 2.31 10.29
C ILE A 179 2.20 2.73 11.74
N LYS A 180 1.51 2.14 12.70
CA LYS A 180 1.72 2.53 14.11
C LYS A 180 2.72 1.60 14.86
N SER A 181 3.50 0.84 14.09
CA SER A 181 4.36 -0.22 14.60
C SER A 181 5.03 0.15 15.89
N SER A 182 4.85 -0.71 16.89
CA SER A 182 5.61 -0.60 18.12
C SER A 182 7.07 -0.86 17.74
N MET A 183 7.29 -1.99 17.08
CA MET A 183 8.65 -2.40 16.83
C MET A 183 9.49 -1.41 16.08
N ARG A 184 8.95 -0.71 15.08
CA ARG A 184 9.75 0.34 14.46
C ARG A 184 10.64 1.11 15.42
N ASN A 185 10.04 1.67 16.48
CA ASN A 185 10.76 2.66 17.27
C ASN A 185 11.70 2.04 18.35
N THR A 186 11.41 0.81 18.79
CA THR A 186 12.39 0.00 19.54
C THR A 186 13.68 -0.03 18.72
N LEU A 187 13.52 -0.47 17.47
CA LEU A 187 14.59 -0.61 16.49
C LEU A 187 15.30 0.71 16.24
N LEU A 188 14.57 1.77 15.97
CA LEU A 188 15.22 3.02 15.65
C LEU A 188 15.97 3.60 16.85
N ARG A 189 15.43 3.42 18.05
CA ARG A 189 16.13 3.93 19.24
C ARG A 189 17.40 3.07 19.45
N ALA A 190 17.28 1.75 19.31
CA ALA A 190 18.46 0.89 19.43
C ALA A 190 19.57 1.27 18.46
N ALA A 191 19.21 1.54 17.22
CA ALA A 191 20.14 1.94 16.20
C ALA A 191 20.61 3.40 16.32
N GLY A 192 20.16 4.12 17.34
CA GLY A 192 20.65 5.50 17.56
C GLY A 192 20.04 6.55 16.66
N HIS A 193 18.76 6.36 16.36
CA HIS A 193 18.02 7.28 15.52
C HIS A 193 16.80 7.74 16.27
N ASP A 194 16.31 8.93 15.94
CA ASP A 194 15.09 9.42 16.55
C ASP A 194 13.90 8.55 16.16
N ALA A 195 12.92 8.45 17.05
CA ALA A 195 11.70 7.72 16.76
C ALA A 195 10.88 8.38 15.65
N VAL A 196 9.98 7.61 15.05
CA VAL A 196 9.18 8.07 13.92
C VAL A 196 7.73 7.61 14.08
N HIS A 197 6.82 8.59 14.04
CA HIS A 197 5.40 8.32 14.18
C HIS A 197 4.59 8.75 12.99
N PRO A 198 3.35 8.27 12.91
CA PRO A 198 2.53 8.70 11.81
C PRO A 198 2.37 10.21 11.78
N GLN A 199 2.49 10.84 10.61
CA GLN A 199 2.26 12.29 10.45
C GLN A 199 1.01 12.41 9.62
N PHE A 200 0.08 13.27 10.04
CA PHE A 200 -1.05 13.57 9.22
C PHE A 200 -0.54 14.37 8.02
N THR A 201 -0.99 13.99 6.83
CA THR A 201 -0.38 14.51 5.59
C THR A 201 -0.95 15.88 5.16
N GLY A 202 -2.07 16.26 5.75
CA GLY A 202 -2.82 17.42 5.33
C GLY A 202 -3.93 17.05 4.35
N THR A 203 -3.94 15.81 3.90
CA THR A 203 -4.90 15.43 2.92
C THR A 203 -5.93 14.55 3.57
N SER A 204 -7.21 14.71 3.24
CA SER A 204 -8.25 13.76 3.72
C SER A 204 -9.03 13.19 2.59
N ALA A 205 -9.67 12.05 2.82
CA ALA A 205 -10.41 11.40 1.73
C ALA A 205 -11.86 11.10 2.08
N TYR A 206 -12.80 11.67 1.36
CA TYR A 206 -14.17 11.24 1.46
C TYR A 206 -14.38 10.08 0.50
N ARG A 207 -15.02 9.03 0.98
CA ARG A 207 -15.13 7.81 0.22
C ARG A 207 -16.56 7.35 0.24
N GLY A 208 -17.02 6.82 -0.89
CA GLY A 208 -18.38 6.36 -1.03
C GLY A 208 -18.43 5.14 -1.93
N LEU A 209 -19.59 4.49 -1.97
CA LEU A 209 -19.78 3.29 -2.76
C LEU A 209 -21.13 3.44 -3.37
N VAL A 210 -21.23 3.49 -4.68
CA VAL A 210 -22.52 3.85 -5.25
C VAL A 210 -22.98 2.93 -6.35
N GLU A 211 -24.27 2.66 -6.33
CA GLU A 211 -24.91 1.74 -7.24
C GLU A 211 -24.82 2.38 -8.62
N THR A 212 -24.14 1.70 -9.55
CA THR A 212 -23.95 2.22 -10.89
C THR A 212 -25.26 2.62 -11.59
N SER A 213 -26.27 1.74 -11.59
CA SER A 213 -27.57 2.06 -12.20
C SER A 213 -28.04 3.43 -11.77
N ALA A 214 -27.89 3.74 -10.51
CA ALA A 214 -28.38 5.01 -9.99
C ALA A 214 -27.74 6.20 -10.64
N LEU A 215 -26.47 6.02 -11.01
CA LEU A 215 -25.65 7.07 -11.63
C LEU A 215 -25.80 7.15 -13.13
N ARG A 216 -26.03 6.01 -13.79
CA ARG A 216 -26.30 6.05 -15.20
C ARG A 216 -27.57 6.84 -15.41
N GLU A 217 -28.57 6.65 -14.54
CA GLU A 217 -29.81 7.44 -14.62
C GLU A 217 -29.48 8.92 -14.57
N ALA A 218 -28.72 9.29 -13.55
CA ALA A 218 -28.41 10.68 -13.36
C ALA A 218 -27.65 11.17 -14.56
N TYR A 219 -26.73 10.37 -15.07
CA TYR A 219 -25.85 10.81 -16.17
C TYR A 219 -26.68 11.03 -17.44
N GLN A 220 -27.48 10.02 -17.77
CA GLN A 220 -28.47 10.12 -18.83
C GLN A 220 -29.32 11.38 -18.61
N ALA A 221 -29.88 11.55 -17.41
CA ALA A 221 -30.74 12.72 -17.12
C ALA A 221 -30.08 14.04 -17.45
N ALA A 222 -28.78 14.17 -17.28
CA ALA A 222 -28.09 15.44 -17.55
C ALA A 222 -27.24 15.45 -18.80
N SER A 223 -27.47 14.48 -19.71
CA SER A 223 -26.74 14.40 -20.98
C SER A 223 -25.24 14.26 -20.79
N LEU A 224 -24.82 13.39 -19.86
CA LEU A 224 -23.40 13.22 -19.61
C LEU A 224 -22.85 11.94 -20.23
N ASP A 225 -21.56 11.95 -20.50
CA ASP A 225 -20.93 10.83 -21.16
C ASP A 225 -20.94 9.68 -20.21
N GLU A 226 -21.56 8.58 -20.59
CA GLU A 226 -21.68 7.41 -19.71
C GLU A 226 -20.40 6.57 -19.69
N HIS A 227 -19.45 6.89 -20.57
CA HIS A 227 -18.11 6.30 -20.55
C HIS A 227 -17.42 6.52 -19.20
N LEU A 228 -17.73 7.63 -18.57
CA LEU A 228 -17.07 8.00 -17.34
C LEU A 228 -17.37 7.05 -16.19
N LEU A 229 -18.42 6.25 -16.40
CA LEU A 229 -18.87 5.26 -15.41
C LEU A 229 -18.42 3.82 -15.71
N ASN A 230 -17.79 3.61 -16.84
CA ASN A 230 -17.45 2.27 -17.27
C ASN A 230 -15.97 2.00 -17.19
N VAL A 231 -15.20 3.07 -17.03
CA VAL A 231 -13.73 3.05 -17.09
C VAL A 231 -13.25 3.89 -15.90
N PRO A 232 -12.15 3.52 -15.28
CA PRO A 232 -11.76 4.28 -14.10
C PRO A 232 -11.33 5.70 -14.47
N GLN A 233 -11.67 6.67 -13.63
CA GLN A 233 -11.40 8.10 -13.89
C GLN A 233 -10.69 8.78 -12.71
N MET A 234 -9.83 9.76 -13.00
CA MET A 234 -9.40 10.71 -11.99
C MET A 234 -9.64 12.08 -12.52
N TYR A 235 -10.31 12.90 -11.72
CA TYR A 235 -10.57 14.30 -12.05
C TYR A 235 -9.73 15.20 -11.17
N LEU A 236 -8.95 16.04 -11.80
CA LEU A 236 -8.02 16.97 -11.13
C LEU A 236 -8.60 18.34 -10.94
N ILE A 237 -8.36 18.93 -9.79
CA ILE A 237 -8.65 20.31 -9.52
C ILE A 237 -7.63 20.88 -8.51
N GLU A 238 -7.58 22.19 -8.30
CA GLU A 238 -6.62 22.74 -7.31
C GLU A 238 -6.90 22.21 -5.90
N ASP A 239 -5.87 21.69 -5.24
CA ASP A 239 -5.99 21.11 -3.91
C ASP A 239 -7.02 19.97 -3.73
N GLY A 240 -7.40 19.30 -4.80
CA GLY A 240 -8.21 18.11 -4.66
C GLY A 240 -8.19 17.19 -5.87
N HIS A 241 -8.80 16.01 -5.73
CA HIS A 241 -9.10 15.16 -6.89
C HIS A 241 -10.06 14.06 -6.54
N VAL A 242 -10.73 13.53 -7.54
CA VAL A 242 -11.77 12.58 -7.29
C VAL A 242 -11.46 11.44 -8.19
N LEU A 243 -11.47 10.23 -7.65
CA LEU A 243 -11.30 9.08 -8.53
C LEU A 243 -12.44 8.12 -8.48
N THR A 244 -12.74 7.52 -9.61
CA THR A 244 -13.77 6.51 -9.63
C THR A 244 -13.32 5.30 -10.37
N PHE A 245 -13.87 4.15 -9.98
CA PHE A 245 -13.67 2.92 -10.71
C PHE A 245 -14.73 1.89 -10.44
N PRO A 246 -15.14 1.16 -11.46
CA PRO A 246 -16.24 0.26 -11.19
C PRO A 246 -15.72 -1.00 -10.52
N VAL A 247 -16.57 -1.55 -9.67
CA VAL A 247 -16.38 -2.85 -9.05
C VAL A 247 -17.68 -3.68 -9.18
N LYS A 248 -17.68 -4.90 -8.62
CA LYS A 248 -18.77 -5.89 -8.86
C LYS A 248 -19.09 -5.99 -10.33
N LYS A 249 -18.07 -6.29 -11.12
CA LYS A 249 -18.22 -6.32 -12.55
C LYS A 249 -19.17 -5.24 -12.99
N GLY A 250 -18.89 -4.01 -12.58
CA GLY A 250 -19.53 -2.83 -13.13
C GLY A 250 -20.70 -2.26 -12.39
N LYS A 251 -21.23 -2.98 -11.41
CA LYS A 251 -22.53 -2.61 -10.82
C LYS A 251 -22.41 -1.66 -9.62
N LEU A 252 -21.22 -1.56 -9.07
CA LEU A 252 -20.96 -0.51 -8.12
C LEU A 252 -19.80 0.35 -8.62
N ILE A 253 -19.81 1.59 -8.12
CA ILE A 253 -18.74 2.55 -8.35
C ILE A 253 -18.10 2.96 -7.05
N ILE A 254 -16.78 2.77 -6.96
CA ILE A 254 -16.03 3.39 -5.87
C ILE A 254 -15.66 4.84 -6.20
N ILE A 255 -15.93 5.74 -5.26
CA ILE A 255 -15.66 7.15 -5.45
C ILE A 255 -14.83 7.61 -4.29
N VAL A 256 -13.66 8.20 -4.55
CA VAL A 256 -12.88 8.73 -3.46
C VAL A 256 -12.52 10.15 -3.78
N ALA A 257 -12.98 11.06 -2.95
CA ALA A 257 -12.78 12.48 -3.18
C ALA A 257 -11.75 12.95 -2.21
N PHE A 258 -10.61 13.40 -2.75
CA PHE A 258 -9.46 13.80 -1.96
C PHE A 258 -9.45 15.29 -1.77
N VAL A 259 -9.22 15.78 -0.55
CA VAL A 259 -9.03 17.24 -0.35
C VAL A 259 -7.78 17.54 0.45
N SER A 260 -7.14 18.67 0.14
CA SER A 260 -5.86 19.00 0.74
C SER A 260 -5.80 20.46 1.18
N ASP A 261 -5.25 20.69 2.37
CA ASP A 261 -4.95 22.05 2.81
C ASP A 261 -3.43 22.10 2.87
N ARG A 262 -2.85 23.06 2.13
CA ARG A 262 -1.40 23.25 2.15
C ARG A 262 -1.03 24.63 2.74
N SER A 263 -1.77 25.05 3.77
CA SER A 263 -1.56 26.34 4.48
C SER A 263 -0.45 26.23 5.51
N VAL A 264 -0.67 25.32 6.47
CA VAL A 264 0.37 24.99 7.44
C VAL A 264 1.45 24.20 6.70
N ALA A 265 2.70 24.47 7.03
CA ALA A 265 3.84 23.76 6.47
C ALA A 265 3.98 22.33 7.07
N LYS A 266 3.38 22.08 8.24
CA LYS A 266 3.26 20.72 8.83
C LYS A 266 1.93 20.53 9.62
N PRO A 267 0.87 20.01 8.94
CA PRO A 267 -0.51 19.97 9.49
C PRO A 267 -0.78 18.94 10.61
N GLN A 268 -1.92 19.10 11.30
CA GLN A 268 -2.23 18.36 12.53
C GLN A 268 -3.58 17.67 12.51
N TRP A 269 -3.62 16.47 13.08
CA TRP A 269 -4.85 15.79 13.36
C TRP A 269 -5.12 15.83 14.88
N PRO A 270 -6.36 16.19 15.30
CA PRO A 270 -6.77 16.21 16.70
C PRO A 270 -6.22 15.06 17.55
N SER A 271 -5.43 15.44 18.57
CA SER A 271 -4.70 14.54 19.50
C SER A 271 -5.33 13.16 19.61
N ASP A 272 -6.64 13.12 19.81
CA ASP A 272 -7.39 11.88 19.68
C ASP A 272 -8.76 12.15 19.07
N GLN A 273 -8.82 12.00 17.76
CA GLN A 273 -10.00 11.54 17.05
C GLN A 273 -9.54 10.22 16.39
N PRO A 274 -10.47 9.32 16.03
CA PRO A 274 -10.00 8.24 15.17
C PRO A 274 -9.73 8.79 13.76
N TRP A 275 -9.03 8.02 12.93
CA TRP A 275 -8.66 8.50 11.60
C TRP A 275 -9.81 8.45 10.65
N VAL A 276 -10.83 7.67 10.99
CA VAL A 276 -12.09 7.64 10.24
C VAL A 276 -13.23 8.28 11.01
N ARG A 277 -14.08 8.99 10.28
CA ARG A 277 -15.36 9.41 10.81
C ARG A 277 -16.42 9.49 9.68
N PRO A 278 -17.70 9.61 10.05
CA PRO A 278 -18.67 9.95 9.02
C PRO A 278 -18.61 11.43 8.67
N ALA A 279 -19.22 11.80 7.56
CA ALA A 279 -19.23 13.19 7.08
C ALA A 279 -20.42 13.36 6.18
N THR A 280 -20.78 14.61 5.91
CA THR A 280 -22.01 14.93 5.16
C THR A 280 -21.76 15.17 3.69
N THR A 281 -22.81 15.00 2.91
CA THR A 281 -22.67 15.19 1.47
C THR A 281 -22.32 16.62 1.06
N ASP A 282 -22.49 17.58 1.96
CA ASP A 282 -22.21 19.01 1.64
C ASP A 282 -20.82 19.46 2.10
N GLU A 283 -20.24 18.69 3.01
CA GLU A 283 -18.93 18.93 3.51
C GLU A 283 -17.93 18.58 2.39
N MET A 284 -18.37 17.69 1.49
CA MET A 284 -17.59 17.30 0.31
C MET A 284 -17.78 18.37 -0.74
N LEU A 285 -19.01 18.46 -1.21
CA LEU A 285 -19.38 19.38 -2.27
C LEU A 285 -18.82 20.79 -2.06
N HIS A 286 -18.66 21.20 -0.81
CA HIS A 286 -18.12 22.51 -0.52
C HIS A 286 -16.68 22.63 -1.06
N ARG A 287 -15.94 21.52 -1.05
CA ARG A 287 -14.53 21.54 -1.47
C ARG A 287 -14.40 21.38 -2.98
N PHE A 288 -15.42 20.84 -3.63
CA PHE A 288 -15.41 20.73 -5.07
C PHE A 288 -16.40 21.67 -5.74
N ALA A 289 -16.51 22.89 -5.24
CA ALA A 289 -17.35 23.93 -5.86
C ALA A 289 -16.99 24.24 -7.30
N GLY A 290 -15.70 24.16 -7.64
CA GLY A 290 -15.24 24.49 -8.99
C GLY A 290 -15.43 23.43 -10.07
N ALA A 291 -16.01 22.29 -9.69
CA ALA A 291 -16.06 21.16 -10.60
C ALA A 291 -17.30 21.19 -11.46
N GLY A 292 -17.23 20.52 -12.59
CA GLY A 292 -18.37 20.37 -13.48
C GLY A 292 -19.43 19.41 -13.00
N GLU A 293 -20.48 19.19 -13.79
CA GLU A 293 -21.62 18.49 -13.24
C GLU A 293 -21.40 16.97 -13.22
N ALA A 294 -20.42 16.49 -13.98
CA ALA A 294 -20.08 15.07 -13.92
C ALA A 294 -19.60 14.78 -12.51
N VAL A 295 -18.56 15.48 -12.06
CA VAL A 295 -18.05 15.30 -10.70
C VAL A 295 -19.12 15.54 -9.64
N LYS A 296 -19.85 16.64 -9.77
CA LYS A 296 -20.86 17.02 -8.79
C LYS A 296 -21.91 15.97 -8.69
N THR A 297 -22.27 15.36 -9.80
CA THR A 297 -23.29 14.31 -9.78
C THR A 297 -22.79 13.10 -9.00
N LEU A 298 -21.53 12.75 -9.24
CA LEU A 298 -20.87 11.69 -8.54
C LEU A 298 -20.87 12.01 -7.03
N LEU A 299 -20.35 13.18 -6.67
CA LEU A 299 -20.34 13.57 -5.27
C LEU A 299 -21.72 13.54 -4.60
N THR A 300 -22.70 14.04 -5.32
CA THR A 300 -24.09 14.06 -4.84
C THR A 300 -24.71 12.68 -4.69
N SER A 301 -24.28 11.71 -5.48
CA SER A 301 -24.82 10.38 -5.33
C SER A 301 -24.37 9.66 -4.05
N ILE A 302 -23.35 10.17 -3.36
CA ILE A 302 -22.95 9.49 -2.13
C ILE A 302 -23.82 10.02 -1.02
N LYS A 303 -24.61 9.15 -0.42
CA LYS A 303 -25.55 9.59 0.60
C LYS A 303 -24.89 9.65 1.99
N SER A 304 -23.97 8.69 2.28
CA SER A 304 -23.22 8.66 3.55
C SER A 304 -21.68 8.53 3.43
N PRO A 305 -21.02 9.65 3.10
CA PRO A 305 -19.58 9.65 2.92
C PRO A 305 -18.81 9.50 4.22
N THR A 306 -17.89 8.53 4.28
CA THR A 306 -16.92 8.49 5.36
C THR A 306 -15.77 9.37 4.95
N LEU A 307 -15.07 9.95 5.91
CA LEU A 307 -13.89 10.75 5.67
C LEU A 307 -12.74 10.09 6.42
N TRP A 308 -11.56 10.06 5.77
CA TRP A 308 -10.36 9.39 6.23
C TRP A 308 -9.21 10.35 6.20
N ALA A 309 -8.51 10.47 7.31
CA ALA A 309 -7.36 11.35 7.41
C ALA A 309 -6.15 10.52 7.04
N LEU A 310 -5.40 10.96 6.03
CA LEU A 310 -4.38 10.12 5.44
C LEU A 310 -3.10 10.48 6.11
N HIS A 311 -2.43 9.47 6.64
CA HIS A 311 -1.14 9.59 7.32
C HIS A 311 -0.06 8.83 6.55
N ASP A 312 1.20 9.27 6.69
CA ASP A 312 2.36 8.51 6.24
C ASP A 312 3.47 8.92 7.19
N PHE A 313 4.75 8.61 6.84
CA PHE A 313 5.93 9.25 7.49
C PHE A 313 7.11 9.47 6.52
N ASP A 314 8.00 10.41 6.86
CA ASP A 314 9.24 10.59 6.12
C ASP A 314 10.05 9.27 6.05
N PRO A 315 10.76 8.99 4.94
CA PRO A 315 11.53 7.77 4.86
C PRO A 315 12.54 7.60 5.98
N LEU A 316 12.66 6.38 6.49
CA LEU A 316 13.52 6.09 7.63
C LEU A 316 14.99 6.03 7.24
N PRO A 317 15.87 6.27 8.19
CA PRO A 317 17.29 6.15 7.87
C PRO A 317 17.78 4.71 7.81
N THR A 318 17.01 3.78 8.38
CA THR A 318 17.33 2.37 8.24
C THR A 318 16.09 1.58 8.51
N TYR A 319 16.05 0.36 7.97
CA TYR A 319 15.00 -0.62 8.26
C TYR A 319 15.49 -1.79 9.12
N VAL A 320 16.72 -1.75 9.60
CA VAL A 320 17.22 -2.92 10.27
C VAL A 320 18.23 -2.59 11.34
N HIS A 321 18.22 -3.43 12.37
CA HIS A 321 19.27 -3.38 13.35
C HIS A 321 19.36 -4.72 14.03
N GLY A 322 20.59 -5.18 14.16
CA GLY A 322 20.85 -6.48 14.74
C GLY A 322 20.14 -7.57 13.98
N ARG A 323 19.19 -8.21 14.65
CA ARG A 323 18.51 -9.38 14.11
C ARG A 323 17.06 -9.06 13.75
N VAL A 324 16.75 -7.76 13.71
CA VAL A 324 15.37 -7.32 13.46
C VAL A 324 15.29 -6.41 12.24
N ALA A 325 14.21 -6.60 11.51
CA ALA A 325 13.94 -5.87 10.28
C ALA A 325 12.47 -5.45 10.11
N LEU A 326 12.26 -4.24 9.58
CA LEU A 326 10.91 -3.70 9.29
C LEU A 326 10.49 -3.92 7.84
N ILE A 327 9.27 -4.43 7.64
CA ILE A 327 8.63 -4.50 6.34
C ILE A 327 7.23 -3.86 6.33
N GLY A 328 6.68 -3.65 5.14
CA GLY A 328 5.37 -3.05 5.00
C GLY A 328 5.26 -1.64 5.54
N ASP A 329 4.04 -1.25 5.89
CA ASP A 329 3.80 0.13 6.31
C ASP A 329 4.59 0.46 7.55
N ALA A 330 5.01 -0.56 8.28
CA ALA A 330 5.84 -0.28 9.44
C ALA A 330 7.15 0.31 8.99
N ALA A 331 7.57 -0.07 7.78
CA ALA A 331 8.83 0.44 7.20
C ALA A 331 8.62 1.66 6.33
N HIS A 332 7.53 1.67 5.56
CA HIS A 332 7.33 2.73 4.57
C HIS A 332 5.92 3.07 4.24
N ALA A 333 5.15 3.46 5.26
CA ALA A 333 3.76 3.81 5.08
C ALA A 333 3.66 4.97 4.12
N MET A 334 2.59 5.06 3.34
CA MET A 334 2.58 6.08 2.34
C MET A 334 1.19 6.46 1.95
N LEU A 335 1.06 7.64 1.34
CA LEU A 335 -0.17 8.06 0.70
C LEU A 335 -0.55 7.06 -0.40
N PRO A 336 -1.84 6.91 -0.69
CA PRO A 336 -2.29 5.90 -1.64
C PRO A 336 -2.25 6.29 -3.12
N HIS A 337 -1.68 7.44 -3.41
CA HIS A 337 -1.87 8.05 -4.70
C HIS A 337 -1.31 7.32 -5.89
N GLN A 338 -0.39 6.42 -5.67
CA GLN A 338 0.14 5.57 -6.75
C GLN A 338 -0.33 4.10 -6.62
N GLY A 339 -1.41 3.87 -5.87
CA GLY A 339 -1.94 2.51 -5.59
C GLY A 339 -0.87 1.45 -5.30
N ALA A 340 0.17 1.86 -4.59
CA ALA A 340 1.42 1.12 -4.49
C ALA A 340 1.87 0.53 -3.13
N GLY A 341 1.25 0.94 -2.00
CA GLY A 341 1.76 0.53 -0.64
C GLY A 341 1.81 -1.00 -0.38
N ALA A 342 0.70 -1.67 -0.64
CA ALA A 342 0.63 -3.10 -0.47
C ALA A 342 1.66 -3.79 -1.31
N GLY A 343 1.74 -3.35 -2.56
CA GLY A 343 2.71 -3.93 -3.46
C GLY A 343 4.14 -3.85 -2.96
N GLN A 344 4.51 -2.78 -2.30
CA GLN A 344 5.83 -2.70 -1.75
C GLN A 344 6.00 -3.66 -0.57
N GLY A 345 4.94 -3.85 0.20
CA GLY A 345 4.94 -4.86 1.24
C GLY A 345 5.14 -6.24 0.60
N LEU A 346 4.44 -6.49 -0.49
CA LEU A 346 4.62 -7.76 -1.16
C LEU A 346 6.01 -7.93 -1.73
N GLU A 347 6.61 -6.86 -2.22
CA GLU A 347 7.99 -6.99 -2.77
C GLU A 347 8.92 -7.21 -1.61
N ASP A 348 8.69 -6.53 -0.48
CA ASP A 348 9.47 -6.79 0.74
C ASP A 348 9.37 -8.25 1.13
N ALA A 349 8.14 -8.74 1.18
CA ALA A 349 7.86 -10.10 1.60
C ALA A 349 8.57 -11.11 0.72
N TYR A 350 8.35 -11.00 -0.59
CA TYR A 350 9.01 -11.88 -1.55
C TYR A 350 10.50 -11.94 -1.36
N PHE A 351 11.13 -10.79 -1.36
CA PHE A 351 12.56 -10.76 -1.21
C PHE A 351 12.95 -11.35 0.12
N MET A 352 12.23 -11.00 1.18
CA MET A 352 12.60 -11.51 2.46
C MET A 352 12.44 -13.03 2.51
N ALA A 353 11.36 -13.59 1.97
CA ALA A 353 11.18 -15.05 1.89
C ALA A 353 12.40 -15.68 1.25
N GLU A 354 12.83 -15.12 0.12
CA GLU A 354 13.98 -15.66 -0.61
C GLU A 354 15.28 -15.59 0.12
N LEU A 355 15.39 -14.62 1.02
CA LEU A 355 16.65 -14.29 1.65
C LEU A 355 16.87 -15.20 2.88
N LEU A 356 15.88 -15.21 3.74
CA LEU A 356 15.77 -16.20 4.79
C LEU A 356 15.29 -17.30 3.90
N GLY A 357 15.17 -18.51 4.37
CA GLY A 357 14.66 -19.57 3.48
C GLY A 357 15.55 -20.05 2.35
N ASN A 358 16.77 -19.52 2.26
CA ASN A 358 17.75 -20.01 1.35
C ASN A 358 18.63 -20.91 2.15
N PRO A 359 18.59 -22.23 1.86
CA PRO A 359 19.24 -23.23 2.73
C PRO A 359 20.69 -22.92 3.08
N LEU A 360 21.42 -22.19 2.22
CA LEU A 360 22.78 -21.81 2.57
C LEU A 360 22.82 -20.98 3.85
N HIS A 361 21.76 -20.22 4.11
CA HIS A 361 21.80 -19.14 5.11
C HIS A 361 21.43 -19.59 6.54
N GLU A 362 22.16 -19.09 7.53
CA GLU A 362 22.04 -19.51 8.94
C GLU A 362 22.14 -18.38 9.98
N ALA A 363 21.70 -18.71 11.19
CA ALA A 363 21.63 -17.79 12.29
C ALA A 363 22.70 -16.74 12.28
N SER A 364 23.96 -17.12 12.18
CA SER A 364 25.05 -16.12 12.29
C SER A 364 25.18 -15.21 11.05
N ASP A 365 24.47 -15.55 9.98
CA ASP A 365 24.42 -14.69 8.80
C ASP A 365 23.42 -13.54 8.96
N ILE A 366 22.54 -13.63 9.95
CA ILE A 366 21.35 -12.79 9.99
C ILE A 366 21.69 -11.29 10.05
N PRO A 367 22.42 -10.85 11.05
CA PRO A 367 22.74 -9.42 10.99
C PRO A 367 23.13 -8.92 9.60
N ALA A 368 23.99 -9.66 8.93
CA ALA A 368 24.57 -9.24 7.66
C ALA A 368 23.55 -9.32 6.52
N LEU A 369 22.76 -10.38 6.51
CA LEU A 369 21.74 -10.58 5.50
C LEU A 369 20.60 -9.55 5.57
N LEU A 370 20.36 -9.03 6.77
CA LEU A 370 19.30 -8.08 6.97
C LEU A 370 19.82 -6.77 6.47
N GLU A 371 21.09 -6.53 6.64
CA GLU A 371 21.64 -5.25 6.19
C GLU A 371 21.68 -5.24 4.65
N VAL A 372 21.58 -6.46 4.07
CA VAL A 372 21.53 -6.63 2.62
C VAL A 372 20.13 -6.27 2.14
N TYR A 373 19.11 -6.85 2.76
CA TYR A 373 17.73 -6.42 2.54
C TYR A 373 17.64 -4.92 2.50
N ASP A 374 18.24 -4.29 3.48
CA ASP A 374 18.20 -2.84 3.55
C ASP A 374 18.78 -2.21 2.28
N ASP A 375 19.96 -2.68 1.85
CA ASP A 375 20.61 -2.16 0.64
C ASP A 375 19.78 -2.38 -0.59
N VAL A 376 19.08 -3.48 -0.65
CA VAL A 376 18.31 -3.73 -1.84
C VAL A 376 17.00 -2.93 -1.87
N ARG A 377 16.31 -2.87 -0.74
CA ARG A 377 14.92 -2.46 -0.74
C ARG A 377 14.71 -1.03 -0.23
N ARG A 378 15.51 -0.54 0.71
CA ARG A 378 15.18 0.72 1.36
C ARG A 378 14.98 1.87 0.37
N GLY A 379 15.88 1.94 -0.59
CA GLY A 379 15.89 3.00 -1.60
C GLY A 379 14.64 2.99 -2.42
N ARG A 380 14.28 1.82 -2.90
CA ARG A 380 13.16 1.79 -3.79
C ARG A 380 11.91 2.21 -2.99
N ALA A 381 11.71 1.61 -1.83
CA ALA A 381 10.45 1.88 -1.11
C ALA A 381 10.38 3.34 -0.62
N SER A 382 11.49 3.88 -0.17
CA SER A 382 11.54 5.27 0.20
C SER A 382 11.13 6.18 -0.95
N LYS A 383 11.60 5.83 -2.13
CA LYS A 383 11.39 6.65 -3.27
C LYS A 383 9.92 6.45 -3.65
N VAL A 384 9.33 5.32 -3.29
CA VAL A 384 7.92 5.13 -3.59
C VAL A 384 7.06 5.98 -2.66
N GLN A 385 7.45 6.02 -1.40
CA GLN A 385 6.80 6.91 -0.45
C GLN A 385 6.79 8.33 -0.97
N LEU A 386 7.95 8.79 -1.45
CA LEU A 386 8.10 10.19 -1.86
C LEU A 386 7.35 10.51 -3.13
N THR A 387 7.37 9.60 -4.06
CA THR A 387 6.66 9.81 -5.30
C THR A 387 5.17 9.65 -5.11
N SER A 388 4.74 9.05 -4.02
CA SER A 388 3.29 9.08 -3.69
C SER A 388 2.88 10.44 -3.17
N ARG A 389 3.73 11.07 -2.38
CA ARG A 389 3.49 12.50 -2.10
C ARG A 389 3.52 13.31 -3.39
N GLU A 390 4.51 13.09 -4.24
CA GLU A 390 4.58 13.90 -5.49
C GLU A 390 3.37 13.73 -6.34
N ALA A 391 2.78 12.54 -6.35
CA ALA A 391 1.59 12.31 -7.16
C ALA A 391 0.41 13.02 -6.56
N GLY A 392 0.41 13.07 -5.25
CA GLY A 392 -0.63 13.86 -4.56
C GLY A 392 -0.68 15.29 -5.06
N GLU A 393 0.47 15.87 -5.35
CA GLU A 393 0.54 17.26 -5.74
C GLU A 393 0.27 17.42 -7.22
N LEU A 394 0.65 16.41 -7.99
CA LEU A 394 0.45 16.49 -9.40
C LEU A 394 -1.04 16.48 -9.69
N TYR A 395 -1.77 15.61 -9.02
CA TYR A 395 -3.19 15.44 -9.30
C TYR A 395 -3.98 16.68 -8.88
N GLU A 396 -3.35 17.50 -8.05
CA GLU A 396 -3.99 18.66 -7.50
C GLU A 396 -3.41 19.97 -8.00
N TYR A 397 -2.82 19.98 -9.19
CA TYR A 397 -2.36 21.21 -9.84
C TYR A 397 -1.20 21.92 -9.13
N ARG A 398 -0.52 21.23 -8.22
CA ARG A 398 0.61 21.81 -7.47
C ARG A 398 2.03 21.48 -7.90
N THR A 399 2.25 20.72 -8.96
CA THR A 399 3.60 20.31 -9.25
C THR A 399 4.34 21.48 -9.90
N PRO A 400 5.44 21.88 -9.28
CA PRO A 400 6.13 22.98 -9.86
C PRO A 400 6.54 22.65 -11.28
N GLY A 401 6.27 23.57 -12.19
CA GLY A 401 6.66 23.43 -13.56
C GLY A 401 5.53 22.95 -14.41
N VAL A 402 4.41 22.70 -13.78
CA VAL A 402 3.36 21.95 -14.43
C VAL A 402 2.00 22.45 -14.04
N GLU A 403 1.71 22.45 -12.77
CA GLU A 403 0.44 22.94 -12.30
C GLU A 403 -0.68 22.33 -13.10
N ARG A 404 -1.37 23.13 -13.90
CA ARG A 404 -2.58 22.67 -14.57
C ARG A 404 -2.40 22.60 -16.05
N ASP A 405 -1.15 22.70 -16.50
CA ASP A 405 -0.90 22.72 -17.90
C ASP A 405 -1.20 21.31 -18.49
N THR A 406 -2.23 21.22 -19.32
CA THR A 406 -2.63 19.98 -19.92
C THR A 406 -1.54 19.16 -20.56
N ALA A 407 -0.80 19.68 -21.52
CA ALA A 407 0.23 18.85 -22.17
C ALA A 407 1.28 18.30 -21.21
N LYS A 408 1.75 19.10 -20.27
CA LYS A 408 2.86 18.60 -19.41
C LYS A 408 2.29 17.61 -18.37
N LEU A 409 1.04 17.81 -17.95
CA LEU A 409 0.36 16.94 -17.03
C LEU A 409 0.28 15.54 -17.70
N LYS A 410 -0.31 15.55 -18.88
CA LYS A 410 -0.34 14.36 -19.70
C LYS A 410 0.95 13.59 -19.74
N ALA A 411 2.03 14.29 -20.04
CA ALA A 411 3.29 13.61 -20.28
C ALA A 411 3.82 12.97 -19.01
N LEU A 412 3.68 13.67 -17.88
CA LEU A 412 4.16 13.13 -16.64
C LEU A 412 3.26 11.99 -16.15
N LEU A 413 1.94 12.13 -16.27
CA LEU A 413 1.06 11.11 -15.82
C LEU A 413 1.27 9.80 -16.63
N GLU A 414 1.42 9.95 -17.94
CA GLU A 414 1.47 8.76 -18.75
C GLU A 414 2.80 7.98 -18.65
N SER A 415 3.80 8.50 -17.98
CA SER A 415 5.09 7.79 -17.83
C SER A 415 5.51 7.52 -16.36
N ARG A 416 4.94 8.28 -15.43
CA ARG A 416 5.47 8.32 -14.06
C ARG A 416 5.40 6.97 -13.23
N MET A 417 4.44 6.09 -13.54
CA MET A 417 4.34 4.79 -12.86
C MET A 417 5.33 3.73 -13.37
N ASN A 418 5.91 3.95 -14.55
CA ASN A 418 6.80 2.96 -15.16
C ASN A 418 7.88 2.40 -14.27
N TRP A 419 8.69 3.24 -13.65
CA TRP A 419 9.79 2.75 -12.86
C TRP A 419 9.28 1.86 -11.72
N ILE A 420 8.01 2.00 -11.33
CA ILE A 420 7.49 1.16 -10.27
C ILE A 420 6.97 -0.14 -10.86
N TRP A 421 6.09 -0.01 -11.84
CA TRP A 421 5.56 -1.16 -12.53
C TRP A 421 6.58 -2.05 -13.20
N ASN A 422 7.49 -1.48 -13.98
CA ASN A 422 8.42 -2.26 -14.77
C ASN A 422 9.68 -2.67 -14.05
N TYR A 423 9.53 -3.18 -12.85
CA TYR A 423 10.64 -3.63 -12.05
C TYR A 423 10.64 -5.17 -12.04
N ASP A 424 11.84 -5.75 -12.06
CA ASP A 424 11.97 -7.19 -12.19
C ASP A 424 12.31 -7.77 -10.83
N LEU A 425 11.31 -8.38 -10.23
CA LEU A 425 11.46 -9.02 -8.94
C LEU A 425 12.45 -10.21 -8.99
N GLY A 426 12.28 -11.06 -9.99
CA GLY A 426 13.27 -12.12 -10.25
C GLY A 426 14.71 -11.68 -10.06
N ALA A 427 15.11 -10.64 -10.76
CA ALA A 427 16.50 -10.18 -10.75
C ALA A 427 16.90 -9.65 -9.39
N GLU A 428 15.92 -9.03 -8.74
CA GLU A 428 16.13 -8.49 -7.40
C GLU A 428 16.39 -9.65 -6.42
N ALA A 429 15.52 -10.66 -6.45
CA ALA A 429 15.78 -11.93 -5.74
C ALA A 429 17.23 -12.47 -5.83
N ARG A 430 17.85 -12.39 -7.00
CA ARG A 430 19.24 -12.82 -7.13
C ARG A 430 20.18 -12.08 -6.22
N LEU A 431 19.76 -10.95 -5.67
CA LEU A 431 20.63 -10.24 -4.74
C LEU A 431 20.55 -10.72 -3.30
N ALA A 432 19.54 -11.57 -3.00
CA ALA A 432 19.24 -12.10 -1.65
C ALA A 432 20.21 -13.22 -1.22
N VAL A 433 21.46 -12.85 -1.01
CA VAL A 433 22.56 -13.80 -0.92
C VAL A 433 23.60 -13.21 0.03
N LYS A 434 24.36 -14.06 0.71
CA LYS A 434 25.32 -13.56 1.69
C LYS A 434 26.30 -12.75 0.86
N PRO A 435 27.01 -11.81 1.48
CA PRO A 435 27.81 -10.84 0.70
C PRO A 435 28.76 -11.44 -0.38
N ALA A 436 30.07 -11.23 -0.25
CA ALA A 436 31.04 -11.78 -1.21
C ALA A 436 32.44 -11.90 -0.60
N LEU A 437 32.83 -10.92 0.24
CA LEU A 437 34.20 -10.76 0.79
C LEU A 437 35.33 -10.83 -0.25
N ALA A 438 34.99 -11.32 -1.45
CA ALA A 438 35.94 -11.61 -2.51
C ALA A 438 36.15 -10.32 -3.31
PA FAD B . -0.30 -3.80 8.43
O1A FAD B . -1.16 -2.55 8.26
O2A FAD B . 1.12 -3.77 8.97
O5B FAD B . -1.10 -4.79 9.49
C5B FAD B . -0.65 -5.22 10.82
C4B FAD B . -1.68 -5.12 12.00
O4B FAD B . -2.09 -6.39 12.57
C3B FAD B . -1.10 -4.35 13.19
O3B FAD B . -2.06 -3.54 13.88
C2B FAD B . -0.57 -5.45 14.11
O2B FAD B . -0.40 -4.95 15.46
C1B FAD B . -1.54 -6.62 13.89
N1 FAD B . -2.61 0.59 -0.09
C2 FAD B . -2.67 0.27 -1.43
O2 FAD B . -1.79 -0.50 -1.95
N3 FAD B . -3.68 0.74 -2.19
C4 FAD B . -4.65 1.55 -1.72
O4 FAD B . -5.52 1.92 -2.53
C4X FAD B . -4.67 1.94 -0.28
N5 FAD B . -5.61 2.76 0.31
C5X FAD B . -5.55 3.11 1.62
C6 FAD B . -6.53 3.95 2.17
C7 FAD B . -6.48 4.29 3.53
C7M FAD B . -7.52 5.19 4.13
C8 FAD B . -5.38 3.78 4.40
C8M FAD B . -5.32 4.15 5.88
C9 FAD B . -4.40 2.95 3.86
C9A FAD B . -4.43 2.59 2.51
N10 FAD B . -3.45 1.73 1.91
C10 FAD B . -3.54 1.40 0.53
C1' FAD B . -2.33 1.15 2.66
C2' FAD B . -2.41 -0.38 2.63
O2' FAD B . -3.52 -0.87 3.39
C3' FAD B . -1.06 -0.90 3.14
O3' FAD B . -0.03 -0.57 2.20
C4' FAD B . -1.00 -2.39 3.44
O4' FAD B . -2.23 -2.95 3.95
C5' FAD B . 0.13 -2.50 4.45
O5' FAD B . 0.66 -3.81 4.50
P FAD B . 1.24 -4.20 5.91
O1P FAD B . 2.13 -3.09 6.34
O2P FAD B . 1.83 -5.56 5.70
O3P FAD B . -0.09 -4.36 6.87
C1' SAL C . -7.54 3.72 -4.39
O1' SAL C . -7.98 4.11 -3.29
O2' SAL C . -7.99 2.67 -4.95
C1 SAL C . -6.49 4.56 -5.05
C2 SAL C . -5.80 4.17 -6.34
C3 SAL C . -4.85 5.03 -6.88
C4 SAL C . -4.57 6.25 -6.24
C5 SAL C . -5.20 6.61 -5.04
C6 SAL C . -6.14 5.79 -4.45
O2 SAL C . -6.09 2.98 -6.98
#